data_5DT9
#
_entry.id   5DT9
#
_cell.length_a   145.775
_cell.length_b   145.775
_cell.length_c   62.031
_cell.angle_alpha   90.00
_cell.angle_beta   90.00
_cell.angle_gamma   90.00
#
_symmetry.space_group_name_H-M   'P 43 21 2'
#
loop_
_entity.id
_entity.type
_entity.pdbx_description
1 polymer 'Erythronate-4-phosphate dehydrogenase'
2 non-polymer NICOTINAMIDE-ADENINE-DINUCLEOTIDE
3 non-polymer 'SULFATE ION'
4 non-polymer 'CHLORIDE ION'
5 water water
#
_entity_poly.entity_id   1
_entity_poly.type   'polypeptide(L)'
_entity_poly.pdbx_seq_one_letter_code
;MPQIPTMKILIDENMPYAQALFSQLGEVILKPGRTLTADDLIDVDALMIRSVTKVNDALLAKANRLKFVGTATAGMDHVD
QALLRERGIFFTAAPGCNKVGVAEYVFSVLMVLAQQQGFSVFDKTVGIIGAGQVGSYLAKCLSGIGMKVLLNDPPKQAQG
DEREFTELETLLKQADVITLHTPITRGGEWPTHHLIDAAILEQLRSDQILINAARGPVVDNAALKARLQQGDGFTAVLDV
FEFEPQVDMELLPLLAFATPHIAGYGLEGKARGTTMIFNSYCEFLGSAHCANPASLLPKAPVPKVYLERAWDEETLRTLT
QIIYDVRKDDAQFRREIHQPGAFDLMRKHYWDRREYSAVTLAGGADCHLAPLAKLGFQVEVCDEPTI
;
_entity_poly.pdbx_strand_id   A
#
loop_
_chem_comp.id
_chem_comp.type
_chem_comp.name
_chem_comp.formula
CL non-polymer 'CHLORIDE ION' 'Cl -1'
NAD non-polymer NICOTINAMIDE-ADENINE-DINUCLEOTIDE 'C21 H27 N7 O14 P2'
SO4 non-polymer 'SULFATE ION' 'O4 S -2'
#
# COMPACT_ATOMS: atom_id res chain seq x y z
N ILE A 4 38.52 4.31 -14.74
CA ILE A 4 37.58 3.26 -15.12
C ILE A 4 36.27 3.86 -15.62
N PRO A 5 35.81 3.41 -16.79
CA PRO A 5 34.50 3.84 -17.30
C PRO A 5 33.36 3.37 -16.41
N THR A 6 32.32 4.18 -16.29
CA THR A 6 31.16 3.82 -15.49
C THR A 6 29.87 4.23 -16.18
N MET A 7 28.76 3.59 -15.81
CA MET A 7 27.45 4.03 -16.25
C MET A 7 27.13 5.36 -15.60
N LYS A 8 26.45 6.23 -16.32
CA LYS A 8 26.02 7.50 -15.74
C LYS A 8 24.56 7.38 -15.32
N ILE A 9 24.32 7.50 -14.02
CA ILE A 9 22.99 7.27 -13.47
C ILE A 9 22.37 8.55 -12.91
N LEU A 10 21.26 8.99 -13.51
CA LEU A 10 20.55 10.17 -13.05
C LEU A 10 19.43 9.80 -12.09
N ILE A 11 19.50 10.32 -10.88
CA ILE A 11 18.56 9.92 -9.82
C ILE A 11 17.92 11.12 -9.15
N ASP A 12 16.63 10.99 -8.82
CA ASP A 12 15.93 11.99 -8.02
C ASP A 12 16.64 12.21 -6.69
N GLU A 13 16.90 13.48 -6.39
CA GLU A 13 17.64 13.89 -5.20
C GLU A 13 17.07 13.31 -3.90
N ASN A 14 15.76 13.18 -3.84
CA ASN A 14 15.09 12.83 -2.59
C ASN A 14 14.63 11.38 -2.52
N MET A 15 15.11 10.56 -3.45
CA MET A 15 14.87 9.12 -3.36
C MET A 15 15.70 8.56 -2.22
N PRO A 16 15.04 7.94 -1.24
CA PRO A 16 15.72 7.45 -0.04
C PRO A 16 16.77 6.37 -0.34
N TYR A 17 17.96 6.53 0.24
CA TYR A 17 19.06 5.57 0.13
C TYR A 17 19.51 5.33 -1.31
N ALA A 18 19.19 6.27 -2.20
CA ALA A 18 19.50 6.12 -3.61
C ALA A 18 21.00 6.28 -3.91
N GLN A 19 21.60 7.33 -3.36
CA GLN A 19 23.01 7.61 -3.59
C GLN A 19 23.89 6.50 -3.04
N ALA A 20 23.60 6.07 -1.81
CA ALA A 20 24.39 5.03 -1.16
C ALA A 20 24.36 3.72 -1.93
N LEU A 21 23.18 3.39 -2.47
CA LEU A 21 23.02 2.16 -3.22
C LEU A 21 23.62 2.24 -4.62
N PHE A 22 23.16 3.19 -5.40
CA PHE A 22 23.51 3.26 -6.82
C PHE A 22 24.93 3.73 -7.11
N SER A 23 25.62 4.26 -6.09
CA SER A 23 27.01 4.68 -6.28
C SER A 23 27.90 3.47 -6.50
N GLN A 24 27.40 2.30 -6.10
CA GLN A 24 28.10 1.04 -6.30
C GLN A 24 28.07 0.64 -7.78
N LEU A 25 27.11 1.19 -8.51
CA LEU A 25 26.88 0.79 -9.89
C LEU A 25 27.45 1.77 -10.92
N GLY A 26 27.92 2.92 -10.46
CA GLY A 26 28.50 3.90 -11.35
C GLY A 26 28.36 5.34 -10.89
N GLU A 27 28.56 6.27 -11.82
CA GLU A 27 28.46 7.68 -11.50
C GLU A 27 27.01 8.11 -11.25
N VAL A 28 26.77 8.68 -10.08
CA VAL A 28 25.43 9.10 -9.69
C VAL A 28 25.28 10.62 -9.73
N ILE A 29 24.27 11.10 -10.46
CA ILE A 29 23.95 12.52 -10.48
C ILE A 29 22.62 12.75 -9.77
N LEU A 30 22.64 13.60 -8.74
CA LEU A 30 21.46 13.85 -7.94
C LEU A 30 20.83 15.21 -8.24
N LYS A 31 19.61 15.18 -8.76
CA LYS A 31 18.89 16.40 -9.09
C LYS A 31 17.42 16.26 -8.69
N PRO A 32 16.80 17.35 -8.22
CA PRO A 32 15.38 17.31 -7.85
C PRO A 32 14.51 16.91 -9.04
N GLY A 33 13.63 15.93 -8.82
CA GLY A 33 12.88 15.32 -9.90
C GLY A 33 11.94 16.23 -10.67
N ARG A 34 11.46 17.29 -10.03
CA ARG A 34 10.52 18.20 -10.67
C ARG A 34 11.20 19.13 -11.68
N THR A 35 12.51 19.31 -11.53
CA THR A 35 13.24 20.25 -12.36
C THR A 35 14.10 19.58 -13.42
N LEU A 36 13.88 18.29 -13.65
CA LEU A 36 14.62 17.57 -14.68
C LEU A 36 14.26 18.06 -16.07
N THR A 37 15.27 18.42 -16.85
CA THR A 37 15.07 18.86 -18.22
C THR A 37 15.66 17.86 -19.21
N ALA A 38 15.49 18.12 -20.50
CA ALA A 38 16.00 17.23 -21.54
C ALA A 38 17.52 17.17 -21.49
N ASP A 39 18.15 18.30 -21.22
CA ASP A 39 19.61 18.40 -21.15
C ASP A 39 20.19 17.54 -20.05
N ASP A 40 19.39 17.27 -19.02
CA ASP A 40 19.83 16.48 -17.87
C ASP A 40 20.04 15.01 -18.23
N LEU A 41 19.53 14.59 -19.38
CA LEU A 41 19.64 13.20 -19.79
C LEU A 41 20.70 12.99 -20.88
N ILE A 42 21.45 14.04 -21.19
CA ILE A 42 22.56 13.91 -22.12
C ILE A 42 23.63 13.00 -21.51
N ASP A 43 24.03 11.98 -22.27
CA ASP A 43 25.03 11.01 -21.86
C ASP A 43 24.63 10.20 -20.63
N VAL A 44 23.33 10.12 -20.36
CA VAL A 44 22.83 9.37 -19.21
C VAL A 44 22.39 7.95 -19.58
N ASP A 45 22.95 6.96 -18.91
CA ASP A 45 22.67 5.56 -19.21
C ASP A 45 21.40 5.05 -18.54
N ALA A 46 21.11 5.51 -17.34
CA ALA A 46 19.96 5.03 -16.58
C ALA A 46 19.32 6.14 -15.77
N LEU A 47 17.99 6.09 -15.65
CA LEU A 47 17.24 7.10 -14.94
C LEU A 47 16.40 6.51 -13.82
N MET A 48 16.56 7.05 -12.61
CA MET A 48 15.80 6.59 -11.44
C MET A 48 14.95 7.72 -10.89
N ILE A 49 13.64 7.57 -10.97
CA ILE A 49 12.73 8.66 -10.63
C ILE A 49 11.65 8.30 -9.62
N ARG A 50 10.91 9.31 -9.19
CA ARG A 50 9.72 9.14 -8.35
C ARG A 50 8.49 9.49 -9.18
N SER A 51 7.42 9.91 -8.52
CA SER A 51 6.18 10.26 -9.21
CA SER A 51 6.19 10.27 -9.22
C SER A 51 6.24 11.69 -9.73
N VAL A 52 7.09 12.51 -9.13
CA VAL A 52 7.18 13.93 -9.48
C VAL A 52 7.81 14.17 -10.86
N THR A 53 8.43 13.15 -11.42
CA THR A 53 9.04 13.28 -12.74
C THR A 53 8.21 12.61 -13.82
N LYS A 54 7.75 13.40 -14.78
CA LYS A 54 6.94 12.87 -15.87
C LYS A 54 7.84 12.48 -17.05
N VAL A 55 7.76 11.22 -17.47
CA VAL A 55 8.58 10.72 -18.56
C VAL A 55 7.87 10.95 -19.90
N ASN A 56 8.13 12.09 -20.51
CA ASN A 56 7.45 12.49 -21.75
C ASN A 56 8.33 12.31 -22.97
N ASP A 57 7.81 12.72 -24.13
CA ASP A 57 8.62 12.87 -25.32
C ASP A 57 9.62 13.99 -25.07
N ALA A 58 9.17 15.00 -24.33
CA ALA A 58 9.97 16.18 -24.03
C ALA A 58 11.20 15.83 -23.20
N LEU A 59 11.02 15.00 -22.18
CA LEU A 59 12.11 14.64 -21.28
C LEU A 59 13.20 13.83 -21.97
N LEU A 60 12.80 13.00 -22.93
CA LEU A 60 13.75 12.08 -23.57
C LEU A 60 14.24 12.61 -24.92
N ALA A 61 14.03 13.90 -25.17
CA ALA A 61 14.36 14.51 -26.45
C ALA A 61 15.85 14.45 -26.76
N LYS A 62 16.67 14.36 -25.72
CA LYS A 62 18.13 14.31 -25.90
C LYS A 62 18.75 13.15 -25.12
N ALA A 63 17.93 12.15 -24.81
CA ALA A 63 18.41 10.97 -24.11
C ALA A 63 19.14 10.03 -25.05
N ASN A 64 20.36 10.40 -25.43
CA ASN A 64 21.12 9.66 -26.43
C ASN A 64 21.71 8.34 -25.93
N ARG A 65 21.78 8.18 -24.60
CA ARG A 65 22.36 6.98 -24.02
C ARG A 65 21.40 6.20 -23.13
N LEU A 66 20.16 6.68 -23.02
CA LEU A 66 19.20 6.09 -22.10
C LEU A 66 18.81 4.66 -22.51
N LYS A 67 19.09 3.71 -21.63
CA LYS A 67 18.79 2.30 -21.89
C LYS A 67 17.87 1.72 -20.81
N PHE A 68 17.86 2.36 -19.64
CA PHE A 68 17.13 1.84 -18.50
C PHE A 68 16.39 2.95 -17.76
N VAL A 69 15.13 2.70 -17.40
CA VAL A 69 14.36 3.64 -16.60
C VAL A 69 13.64 2.92 -15.45
N GLY A 70 13.96 3.33 -14.22
CA GLY A 70 13.32 2.76 -13.06
C GLY A 70 12.60 3.81 -12.24
N THR A 71 11.37 3.52 -11.84
CA THR A 71 10.61 4.41 -10.99
C THR A 71 10.31 3.74 -9.65
N ALA A 72 10.72 4.39 -8.57
CA ALA A 72 10.59 3.83 -7.23
C ALA A 72 9.16 3.95 -6.70
N THR A 73 8.20 3.50 -7.52
CA THR A 73 6.79 3.57 -7.16
C THR A 73 6.07 2.29 -7.57
N ALA A 74 4.93 2.02 -6.94
CA ALA A 74 4.10 0.88 -7.31
C ALA A 74 3.32 1.18 -8.58
N GLY A 75 2.97 2.45 -8.75
CA GLY A 75 2.25 2.89 -9.95
C GLY A 75 3.21 3.42 -10.99
N MET A 76 2.72 3.63 -12.20
CA MET A 76 3.57 4.05 -13.31
C MET A 76 2.83 4.90 -14.35
N ASP A 77 1.81 5.61 -13.90
CA ASP A 77 1.01 6.46 -14.79
C ASP A 77 1.80 7.69 -15.23
N HIS A 78 2.77 8.09 -14.41
CA HIS A 78 3.59 9.26 -14.70
C HIS A 78 4.62 8.93 -15.78
N VAL A 79 4.55 7.71 -16.29
CA VAL A 79 5.48 7.23 -17.31
C VAL A 79 4.77 6.87 -18.60
N ASP A 80 5.20 7.49 -19.70
CA ASP A 80 4.76 7.08 -21.03
C ASP A 80 5.55 5.84 -21.41
N GLN A 81 5.03 4.67 -21.10
CA GLN A 81 5.77 3.43 -21.35
C GLN A 81 5.50 2.86 -22.74
N ALA A 82 4.60 3.51 -23.48
CA ALA A 82 4.45 3.20 -24.90
C ALA A 82 5.61 3.84 -25.65
N LEU A 83 6.04 5.00 -25.15
CA LEU A 83 7.21 5.69 -25.68
C LEU A 83 8.49 4.90 -25.39
N LEU A 84 8.60 4.43 -24.15
CA LEU A 84 9.77 3.66 -23.72
C LEU A 84 9.87 2.37 -24.51
N ARG A 85 8.73 1.76 -24.78
CA ARG A 85 8.70 0.47 -25.47
C ARG A 85 9.11 0.61 -26.93
N GLU A 86 8.66 1.67 -27.58
CA GLU A 86 8.89 1.82 -29.03
C GLU A 86 10.32 2.22 -29.35
N ARG A 87 11.07 2.67 -28.36
CA ARG A 87 12.49 2.97 -28.59
C ARG A 87 13.41 2.14 -27.70
N GLY A 88 12.92 0.96 -27.30
CA GLY A 88 13.73 -0.06 -26.68
C GLY A 88 14.32 0.23 -25.31
N ILE A 89 13.68 1.13 -24.57
CA ILE A 89 14.15 1.45 -23.22
C ILE A 89 13.49 0.55 -22.18
N PHE A 90 14.32 -0.25 -21.50
CA PHE A 90 13.82 -1.14 -20.45
C PHE A 90 13.20 -0.33 -19.33
N PHE A 91 11.96 -0.65 -18.99
CA PHE A 91 11.25 0.06 -17.93
C PHE A 91 10.85 -0.85 -16.79
N THR A 92 10.98 -0.35 -15.56
CA THR A 92 10.53 -1.09 -14.38
C THR A 92 10.06 -0.15 -13.29
N ALA A 93 9.04 -0.59 -12.56
CA ALA A 93 8.58 0.14 -11.39
C ALA A 93 8.93 -0.67 -10.15
N ALA A 94 8.26 -0.39 -9.04
CA ALA A 94 8.40 -1.20 -7.84
C ALA A 94 7.03 -1.69 -7.38
N PRO A 95 6.43 -2.62 -8.15
CA PRO A 95 5.06 -3.07 -7.85
C PRO A 95 4.94 -3.75 -6.49
N GLY A 96 3.97 -3.32 -5.71
CA GLY A 96 3.74 -3.89 -4.39
C GLY A 96 4.74 -3.44 -3.35
N CYS A 97 5.49 -2.38 -3.64
CA CYS A 97 6.51 -1.89 -2.73
C CYS A 97 5.91 -1.39 -1.41
N ASN A 98 4.66 -0.96 -1.45
CA ASN A 98 3.99 -0.45 -0.26
C ASN A 98 2.70 -1.18 0.08
N LYS A 99 2.64 -2.47 -0.26
CA LYS A 99 1.44 -3.26 -0.01
C LYS A 99 1.38 -3.78 1.41
N VAL A 100 2.54 -3.93 2.04
CA VAL A 100 2.63 -4.48 3.40
C VAL A 100 1.88 -3.61 4.40
N GLY A 101 2.11 -2.30 4.32
CA GLY A 101 1.46 -1.36 5.22
C GLY A 101 -0.05 -1.42 5.15
N VAL A 102 -0.59 -1.55 3.95
CA VAL A 102 -2.04 -1.57 3.75
C VAL A 102 -2.69 -2.74 4.47
N ALA A 103 -2.05 -3.92 4.39
CA ALA A 103 -2.56 -5.11 5.05
C ALA A 103 -2.58 -4.93 6.56
N GLU A 104 -1.52 -4.33 7.09
CA GLU A 104 -1.40 -4.11 8.51
C GLU A 104 -2.31 -2.96 8.96
N TYR A 105 -2.63 -2.07 8.02
CA TYR A 105 -3.59 -1.01 8.27
C TYR A 105 -5.00 -1.59 8.40
N VAL A 106 -5.37 -2.43 7.45
CA VAL A 106 -6.67 -3.09 7.44
C VAL A 106 -6.84 -3.94 8.70
N PHE A 107 -5.78 -4.64 9.08
CA PHE A 107 -5.83 -5.51 10.25
C PHE A 107 -6.00 -4.70 11.53
N SER A 108 -5.33 -3.56 11.59
CA SER A 108 -5.48 -2.65 12.73
C SER A 108 -6.93 -2.19 12.84
N VAL A 109 -7.51 -1.83 11.70
CA VAL A 109 -8.90 -1.40 11.64
C VAL A 109 -9.82 -2.50 12.15
N LEU A 110 -9.58 -3.73 11.69
CA LEU A 110 -10.35 -4.88 12.15
C LEU A 110 -10.16 -5.11 13.64
N MET A 111 -8.92 -4.97 14.10
CA MET A 111 -8.57 -5.25 15.48
C MET A 111 -9.23 -4.26 16.45
N VAL A 112 -9.18 -2.98 16.10
CA VAL A 112 -9.75 -1.95 16.95
C VAL A 112 -11.27 -1.98 16.92
N LEU A 113 -11.83 -2.18 15.74
CA LEU A 113 -13.29 -2.27 15.60
C LEU A 113 -13.83 -3.48 16.36
N ALA A 114 -13.05 -4.57 16.38
CA ALA A 114 -13.42 -5.75 17.14
C ALA A 114 -13.49 -5.44 18.62
N GLN A 115 -12.57 -4.61 19.09
CA GLN A 115 -12.54 -4.21 20.48
C GLN A 115 -13.65 -3.21 20.80
N GLN A 116 -13.83 -2.24 19.91
CA GLN A 116 -14.83 -1.19 20.12
C GLN A 116 -16.26 -1.72 20.04
N GLN A 117 -16.53 -2.56 19.04
CA GLN A 117 -17.88 -3.08 18.83
C GLN A 117 -18.11 -4.39 19.57
N GLY A 118 -17.03 -4.98 20.09
CA GLY A 118 -17.15 -6.20 20.87
C GLY A 118 -17.46 -7.43 20.05
N PHE A 119 -16.51 -7.85 19.22
CA PHE A 119 -16.62 -9.10 18.48
C PHE A 119 -15.25 -9.70 18.21
N SER A 120 -15.24 -10.91 17.67
CA SER A 120 -13.99 -11.60 17.35
C SER A 120 -13.71 -11.52 15.86
N VAL A 121 -12.47 -11.20 15.50
CA VAL A 121 -12.09 -11.08 14.09
C VAL A 121 -12.16 -12.44 13.38
N PHE A 122 -12.11 -13.52 14.17
CA PHE A 122 -12.16 -14.86 13.62
C PHE A 122 -13.60 -15.31 13.38
N ASP A 123 -14.55 -14.42 13.67
CA ASP A 123 -15.95 -14.65 13.33
C ASP A 123 -16.30 -13.93 12.04
N LYS A 124 -15.45 -12.99 11.64
CA LYS A 124 -15.73 -12.13 10.50
C LYS A 124 -15.06 -12.61 9.21
N THR A 125 -15.86 -12.62 8.14
CA THR A 125 -15.36 -12.99 6.82
C THR A 125 -15.01 -11.72 6.03
N VAL A 126 -13.76 -11.62 5.61
CA VAL A 126 -13.31 -10.45 4.86
C VAL A 126 -13.41 -10.66 3.35
N GLY A 127 -14.11 -9.76 2.69
CA GLY A 127 -14.23 -9.81 1.24
C GLY A 127 -13.27 -8.83 0.57
N ILE A 128 -12.30 -9.36 -0.14
CA ILE A 128 -11.32 -8.53 -0.85
C ILE A 128 -11.73 -8.29 -2.29
N ILE A 129 -12.00 -7.03 -2.62
CA ILE A 129 -12.30 -6.65 -4.00
C ILE A 129 -11.06 -6.01 -4.61
N GLY A 130 -10.40 -6.76 -5.50
CA GLY A 130 -9.13 -6.33 -6.05
C GLY A 130 -8.02 -7.21 -5.52
N ALA A 131 -7.62 -8.21 -6.30
CA ALA A 131 -6.63 -9.19 -5.86
C ALA A 131 -5.29 -9.02 -6.57
N GLY A 132 -4.78 -7.80 -6.58
CA GLY A 132 -3.48 -7.52 -7.17
C GLY A 132 -2.37 -7.68 -6.15
N GLN A 133 -1.43 -6.75 -6.14
CA GLN A 133 -0.34 -6.77 -5.18
C GLN A 133 -0.85 -6.62 -3.75
N VAL A 134 -1.66 -5.60 -3.53
CA VAL A 134 -2.17 -5.29 -2.20
C VAL A 134 -3.14 -6.35 -1.67
N GLY A 135 -4.14 -6.66 -2.49
CA GLY A 135 -5.18 -7.60 -2.08
C GLY A 135 -4.67 -9.00 -1.80
N SER A 136 -3.77 -9.49 -2.64
CA SER A 136 -3.24 -10.84 -2.49
C SER A 136 -2.39 -10.98 -1.23
N TYR A 137 -1.69 -9.90 -0.86
CA TYR A 137 -0.89 -9.93 0.35
C TYR A 137 -1.78 -9.91 1.58
N LEU A 138 -2.85 -9.11 1.52
CA LEU A 138 -3.84 -9.06 2.57
C LEU A 138 -4.53 -10.42 2.71
N ALA A 139 -4.85 -11.03 1.57
CA ALA A 139 -5.45 -12.34 1.55
C ALA A 139 -4.53 -13.38 2.19
N LYS A 140 -3.23 -13.23 1.97
CA LYS A 140 -2.23 -14.11 2.55
C LYS A 140 -2.17 -13.95 4.07
N CYS A 141 -2.15 -12.71 4.53
CA CYS A 141 -2.02 -12.41 5.95
C CYS A 141 -3.23 -12.88 6.75
N LEU A 142 -4.43 -12.59 6.24
CA LEU A 142 -5.66 -12.94 6.93
C LEU A 142 -5.87 -14.45 6.99
N SER A 143 -5.61 -15.12 5.87
CA SER A 143 -5.71 -16.57 5.82
C SER A 143 -4.64 -17.22 6.69
N GLY A 144 -3.50 -16.55 6.80
CA GLY A 144 -2.38 -17.04 7.58
C GLY A 144 -2.73 -17.22 9.05
N ILE A 145 -3.48 -16.27 9.61
CA ILE A 145 -3.86 -16.34 11.01
C ILE A 145 -5.21 -17.05 11.18
N GLY A 146 -5.77 -17.54 10.09
CA GLY A 146 -6.95 -18.39 10.16
C GLY A 146 -8.29 -17.69 9.97
N MET A 147 -8.28 -16.54 9.31
CA MET A 147 -9.53 -15.85 8.99
C MET A 147 -10.03 -16.27 7.61
N LYS A 148 -11.33 -16.18 7.40
CA LYS A 148 -11.94 -16.56 6.14
C LYS A 148 -11.93 -15.41 5.14
N VAL A 149 -11.26 -15.60 4.02
CA VAL A 149 -11.15 -14.56 3.01
C VAL A 149 -12.06 -14.84 1.81
N LEU A 150 -12.41 -13.76 1.10
CA LEU A 150 -13.25 -13.86 -0.09
C LEU A 150 -12.68 -12.96 -1.19
N LEU A 151 -12.11 -13.59 -2.22
CA LEU A 151 -11.43 -12.84 -3.28
C LEU A 151 -12.31 -12.62 -4.50
N ASN A 152 -12.40 -11.37 -4.93
CA ASN A 152 -13.11 -11.04 -6.18
C ASN A 152 -12.21 -10.29 -7.14
N ASP A 153 -12.19 -10.74 -8.40
CA ASP A 153 -11.33 -10.14 -9.41
C ASP A 153 -11.72 -10.56 -10.82
N PRO A 154 -12.76 -9.94 -11.39
CA PRO A 154 -13.22 -10.24 -12.75
C PRO A 154 -12.15 -10.10 -13.85
N PRO A 155 -11.28 -9.08 -13.81
CA PRO A 155 -10.26 -9.04 -14.87
C PRO A 155 -9.31 -10.24 -14.84
N LYS A 156 -8.70 -10.50 -13.69
CA LYS A 156 -7.72 -11.59 -13.58
C LYS A 156 -8.36 -12.95 -13.82
N GLN A 157 -9.62 -13.10 -13.42
CA GLN A 157 -10.34 -14.35 -13.64
C GLN A 157 -10.54 -14.61 -15.13
N ALA A 158 -10.70 -13.52 -15.88
CA ALA A 158 -10.87 -13.61 -17.32
C ALA A 158 -9.54 -13.87 -18.01
N GLN A 159 -8.45 -13.51 -17.33
CA GLN A 159 -7.11 -13.68 -17.89
C GLN A 159 -6.57 -15.08 -17.61
N GLY A 160 -7.24 -15.81 -16.74
CA GLY A 160 -6.89 -17.20 -16.49
C GLY A 160 -6.37 -17.51 -15.09
N ASP A 161 -6.51 -16.55 -14.19
CA ASP A 161 -6.09 -16.76 -12.80
C ASP A 161 -6.96 -17.83 -12.16
N GLU A 162 -6.34 -18.87 -11.62
CA GLU A 162 -7.08 -20.04 -11.16
C GLU A 162 -7.28 -20.10 -9.66
N ARG A 163 -7.12 -18.96 -8.98
CA ARG A 163 -7.55 -18.86 -7.59
C ARG A 163 -9.07 -18.90 -7.57
N GLU A 164 -9.66 -19.30 -6.45
CA GLU A 164 -11.12 -19.37 -6.38
C GLU A 164 -11.72 -18.01 -6.08
N PHE A 165 -12.33 -17.41 -7.08
CA PHE A 165 -12.91 -16.08 -6.95
C PHE A 165 -14.39 -16.12 -6.63
N THR A 166 -14.82 -15.21 -5.77
CA THR A 166 -16.23 -15.07 -5.43
C THR A 166 -16.85 -13.92 -6.20
N GLU A 167 -18.04 -14.17 -6.75
CA GLU A 167 -18.76 -13.16 -7.52
C GLU A 167 -19.18 -11.99 -6.63
N LEU A 168 -19.25 -10.79 -7.22
CA LEU A 168 -19.43 -9.56 -6.45
C LEU A 168 -20.67 -9.53 -5.54
N GLU A 169 -21.86 -9.71 -6.11
CA GLU A 169 -23.09 -9.66 -5.33
CA GLU A 169 -23.08 -9.65 -5.33
C GLU A 169 -23.09 -10.71 -4.22
N THR A 170 -22.35 -11.79 -4.45
CA THR A 170 -22.23 -12.85 -3.47
C THR A 170 -21.34 -12.37 -2.34
N LEU A 171 -20.20 -11.79 -2.71
CA LEU A 171 -19.26 -11.25 -1.74
C LEU A 171 -19.89 -10.15 -0.89
N LEU A 172 -20.67 -9.29 -1.53
CA LEU A 172 -21.31 -8.16 -0.84
C LEU A 172 -22.33 -8.64 0.19
N LYS A 173 -22.83 -9.86 0.02
CA LYS A 173 -23.76 -10.44 0.98
C LYS A 173 -23.07 -11.41 1.93
N GLN A 174 -22.18 -12.24 1.38
CA GLN A 174 -21.58 -13.33 2.14
C GLN A 174 -20.49 -12.85 3.11
N ALA A 175 -19.92 -11.68 2.85
CA ALA A 175 -18.81 -11.19 3.66
C ALA A 175 -19.26 -10.19 4.72
N ASP A 176 -18.60 -10.23 5.88
CA ASP A 176 -18.87 -9.28 6.95
C ASP A 176 -18.13 -7.98 6.70
N VAL A 177 -16.86 -8.09 6.33
CA VAL A 177 -16.02 -6.92 6.07
C VAL A 177 -15.69 -6.81 4.59
N ILE A 178 -15.93 -5.64 4.02
CA ILE A 178 -15.68 -5.39 2.61
C ILE A 178 -14.55 -4.37 2.43
N THR A 179 -13.41 -4.84 1.93
CA THR A 179 -12.27 -3.96 1.72
C THR A 179 -11.92 -3.85 0.24
N LEU A 180 -11.64 -2.62 -0.20
CA LEU A 180 -11.37 -2.35 -1.60
C LEU A 180 -9.89 -2.17 -1.89
N HIS A 181 -9.42 -2.80 -2.96
CA HIS A 181 -8.02 -2.70 -3.35
C HIS A 181 -7.89 -2.74 -4.87
N THR A 182 -8.67 -1.87 -5.51
CA THR A 182 -8.71 -1.78 -6.97
C THR A 182 -8.12 -0.45 -7.43
N PRO A 183 -7.73 -0.37 -8.71
CA PRO A 183 -7.38 0.96 -9.24
C PRO A 183 -8.64 1.78 -9.49
N ILE A 184 -8.49 3.02 -9.96
CA ILE A 184 -9.65 3.82 -10.30
C ILE A 184 -9.79 3.91 -11.82
N THR A 185 -10.87 3.34 -12.33
CA THR A 185 -11.09 3.27 -13.77
C THR A 185 -12.53 3.65 -14.14
N ARG A 186 -12.67 4.49 -15.16
CA ARG A 186 -13.97 4.91 -15.64
C ARG A 186 -14.45 4.01 -16.78
N GLY A 187 -13.52 3.57 -17.61
CA GLY A 187 -13.85 2.77 -18.77
C GLY A 187 -13.45 1.31 -18.62
N GLY A 188 -13.20 0.65 -19.76
CA GLY A 188 -12.81 -0.75 -19.76
C GLY A 188 -13.97 -1.69 -19.53
N GLU A 189 -13.67 -2.98 -19.49
CA GLU A 189 -14.70 -4.00 -19.25
C GLU A 189 -15.18 -3.98 -17.81
N TRP A 190 -14.28 -3.61 -16.90
CA TRP A 190 -14.59 -3.65 -15.47
C TRP A 190 -14.24 -2.35 -14.77
N PRO A 191 -15.04 -1.29 -15.01
CA PRO A 191 -14.77 0.03 -14.41
C PRO A 191 -14.95 0.00 -12.89
N THR A 192 -14.20 0.83 -12.19
CA THR A 192 -14.24 0.83 -10.73
C THR A 192 -14.74 2.15 -10.16
N HIS A 193 -14.98 3.14 -11.02
CA HIS A 193 -15.52 4.41 -10.56
C HIS A 193 -16.93 4.20 -10.02
N HIS A 194 -17.12 4.60 -8.77
CA HIS A 194 -18.38 4.35 -8.05
C HIS A 194 -18.76 2.87 -8.12
N LEU A 195 -17.77 2.00 -7.96
CA LEU A 195 -18.02 0.56 -7.90
C LEU A 195 -18.95 0.27 -6.73
N ILE A 196 -18.67 0.90 -5.60
CA ILE A 196 -19.59 0.92 -4.49
C ILE A 196 -20.53 2.10 -4.65
N ASP A 197 -21.69 1.87 -5.24
CA ASP A 197 -22.63 2.95 -5.54
C ASP A 197 -23.78 2.98 -4.54
N ALA A 198 -24.82 3.75 -4.88
CA ALA A 198 -25.97 3.92 -4.01
C ALA A 198 -26.74 2.63 -3.78
N ALA A 199 -27.05 1.93 -4.86
CA ALA A 199 -27.82 0.69 -4.80
C ALA A 199 -27.14 -0.37 -3.94
N ILE A 200 -25.82 -0.46 -4.08
CA ILE A 200 -25.05 -1.44 -3.31
C ILE A 200 -25.01 -1.07 -1.83
N LEU A 201 -24.77 0.21 -1.54
CA LEU A 201 -24.65 0.68 -0.16
C LEU A 201 -25.92 0.47 0.66
N GLU A 202 -27.08 0.58 0.02
CA GLU A 202 -28.34 0.48 0.73
C GLU A 202 -28.74 -0.99 0.95
N GLN A 203 -28.04 -1.89 0.27
CA GLN A 203 -28.24 -3.32 0.48
C GLN A 203 -27.19 -3.87 1.43
N LEU A 204 -26.34 -2.98 1.93
CA LEU A 204 -25.36 -3.35 2.94
C LEU A 204 -26.02 -3.36 4.32
N ARG A 205 -25.78 -4.41 5.07
CA ARG A 205 -26.45 -4.60 6.36
C ARG A 205 -25.81 -3.79 7.47
N SER A 206 -26.51 -3.72 8.60
CA SER A 206 -26.07 -2.92 9.75
C SER A 206 -24.85 -3.53 10.43
N ASP A 207 -24.63 -4.82 10.23
CA ASP A 207 -23.50 -5.51 10.83
C ASP A 207 -22.41 -5.80 9.81
N GLN A 208 -22.38 -4.99 8.75
CA GLN A 208 -21.35 -5.11 7.72
C GLN A 208 -20.40 -3.92 7.78
N ILE A 209 -19.13 -4.17 7.50
CA ILE A 209 -18.12 -3.11 7.53
C ILE A 209 -17.55 -2.86 6.14
N LEU A 210 -17.49 -1.58 5.75
CA LEU A 210 -16.91 -1.20 4.47
C LEU A 210 -15.60 -0.44 4.66
N ILE A 211 -14.53 -0.94 4.06
CA ILE A 211 -13.24 -0.28 4.11
C ILE A 211 -12.74 0.06 2.72
N ASN A 212 -12.40 1.32 2.49
CA ASN A 212 -11.83 1.73 1.22
C ASN A 212 -10.47 2.39 1.40
N ALA A 213 -9.42 1.61 1.22
CA ALA A 213 -8.06 2.12 1.25
C ALA A 213 -7.43 1.93 -0.14
N ALA A 214 -8.29 1.84 -1.15
CA ALA A 214 -7.84 1.70 -2.54
C ALA A 214 -7.62 3.07 -3.14
N ARG A 215 -8.71 3.62 -3.69
CA ARG A 215 -8.71 4.93 -4.32
C ARG A 215 -10.00 5.65 -3.94
N GLY A 216 -9.98 6.98 -3.98
CA GLY A 216 -11.15 7.78 -3.64
C GLY A 216 -12.47 7.49 -4.33
N PRO A 217 -12.57 7.82 -5.63
CA PRO A 217 -13.83 7.74 -6.38
C PRO A 217 -14.43 6.33 -6.52
N VAL A 218 -13.77 5.31 -5.97
CA VAL A 218 -14.30 3.96 -6.01
C VAL A 218 -15.59 3.88 -5.17
N VAL A 219 -15.61 4.62 -4.07
CA VAL A 219 -16.81 4.77 -3.26
C VAL A 219 -17.44 6.14 -3.45
N ASP A 220 -18.70 6.15 -3.87
CA ASP A 220 -19.45 7.41 -3.93
C ASP A 220 -19.61 7.96 -2.52
N ASN A 221 -18.81 8.99 -2.21
CA ASN A 221 -18.78 9.54 -0.86
C ASN A 221 -20.10 10.14 -0.43
N ALA A 222 -20.79 10.80 -1.37
CA ALA A 222 -22.11 11.36 -1.09
C ALA A 222 -23.09 10.26 -0.71
N ALA A 223 -23.01 9.15 -1.42
CA ALA A 223 -23.87 8.00 -1.14
C ALA A 223 -23.47 7.33 0.17
N LEU A 224 -22.16 7.30 0.43
CA LEU A 224 -21.65 6.74 1.68
C LEU A 224 -22.19 7.51 2.87
N LYS A 225 -22.23 8.83 2.74
CA LYS A 225 -22.76 9.69 3.79
C LYS A 225 -24.24 9.38 4.04
N ALA A 226 -25.02 9.37 2.97
CA ALA A 226 -26.45 9.08 3.05
C ALA A 226 -26.71 7.75 3.74
N ARG A 227 -25.87 6.76 3.48
CA ARG A 227 -26.00 5.46 4.10
C ARG A 227 -25.67 5.51 5.59
N LEU A 228 -24.69 6.34 5.94
CA LEU A 228 -24.25 6.46 7.33
C LEU A 228 -25.20 7.29 8.18
N GLN A 229 -25.97 8.16 7.54
CA GLN A 229 -26.85 9.08 8.26
C GLN A 229 -28.15 8.39 8.72
N GLN A 230 -28.33 7.14 8.33
CA GLN A 230 -29.46 6.35 8.81
C GLN A 230 -29.23 5.96 10.27
N GLY A 231 -27.98 5.69 10.61
CA GLY A 231 -27.61 5.35 11.97
C GLY A 231 -28.09 3.99 12.40
N ASP A 232 -28.04 3.02 11.48
CA ASP A 232 -28.48 1.67 11.80
C ASP A 232 -27.33 0.81 12.33
N GLY A 233 -26.13 1.40 12.36
CA GLY A 233 -24.98 0.70 12.87
C GLY A 233 -23.99 0.32 11.80
N PHE A 234 -24.28 0.70 10.56
CA PHE A 234 -23.38 0.47 9.45
C PHE A 234 -22.04 1.16 9.72
N THR A 235 -20.95 0.52 9.31
CA THR A 235 -19.61 1.01 9.66
C THR A 235 -18.73 1.17 8.43
N ALA A 236 -18.14 2.35 8.27
CA ALA A 236 -17.30 2.65 7.12
C ALA A 236 -15.97 3.27 7.52
N VAL A 237 -14.91 2.86 6.84
CA VAL A 237 -13.57 3.41 7.09
C VAL A 237 -12.94 3.86 5.78
N LEU A 238 -12.48 5.12 5.75
CA LEU A 238 -11.87 5.67 4.55
C LEU A 238 -10.41 6.09 4.77
N ASP A 239 -9.53 5.57 3.93
CA ASP A 239 -8.16 6.06 3.87
C ASP A 239 -8.04 6.97 2.65
N VAL A 240 -8.97 6.81 1.72
CA VAL A 240 -9.01 7.62 0.51
C VAL A 240 -10.38 8.25 0.31
N PHE A 241 -10.39 9.47 -0.22
CA PHE A 241 -11.63 10.21 -0.37
C PHE A 241 -11.86 10.60 -1.84
N GLU A 242 -13.13 10.68 -2.24
CA GLU A 242 -13.49 10.87 -3.64
C GLU A 242 -12.89 12.14 -4.25
N PHE A 243 -12.73 13.18 -3.43
CA PHE A 243 -12.15 14.43 -3.91
C PHE A 243 -11.02 14.93 -3.01
N GLU A 244 -10.19 14.00 -2.51
CA GLU A 244 -9.08 14.37 -1.65
C GLU A 244 -8.13 15.33 -2.38
N PRO A 245 -7.44 16.22 -1.64
CA PRO A 245 -7.37 16.37 -0.18
C PRO A 245 -8.61 16.97 0.48
N GLN A 246 -9.66 17.23 -0.30
CA GLN A 246 -10.91 17.72 0.25
C GLN A 246 -11.79 16.57 0.72
N VAL A 247 -12.39 16.73 1.91
CA VAL A 247 -13.29 15.71 2.42
C VAL A 247 -14.60 16.33 2.89
N ASP A 248 -15.67 15.53 2.86
CA ASP A 248 -16.97 15.96 3.36
C ASP A 248 -16.92 16.04 4.89
N MET A 249 -17.02 17.25 5.42
CA MET A 249 -16.91 17.46 6.86
C MET A 249 -18.16 17.01 7.60
N GLU A 250 -19.20 16.64 6.85
CA GLU A 250 -20.37 16.01 7.43
C GLU A 250 -20.17 14.51 7.51
N LEU A 251 -19.45 13.98 6.53
CA LEU A 251 -19.17 12.55 6.46
C LEU A 251 -18.10 12.13 7.47
N LEU A 252 -17.12 13.01 7.69
CA LEU A 252 -15.98 12.72 8.55
C LEU A 252 -16.36 12.20 9.95
N PRO A 253 -17.29 12.87 10.66
CA PRO A 253 -17.60 12.33 11.99
C PRO A 253 -18.47 11.07 11.97
N LEU A 254 -18.86 10.62 10.78
CA LEU A 254 -19.65 9.39 10.67
C LEU A 254 -18.76 8.19 10.34
N LEU A 255 -17.55 8.48 9.85
CA LEU A 255 -16.59 7.42 9.53
C LEU A 255 -15.92 6.92 10.80
N ALA A 256 -15.87 5.60 10.95
CA ALA A 256 -15.25 4.98 12.12
C ALA A 256 -13.77 5.35 12.21
N PHE A 257 -13.10 5.34 11.05
CA PHE A 257 -11.73 5.79 10.96
C PHE A 257 -11.49 6.55 9.65
N ALA A 258 -10.78 7.66 9.76
CA ALA A 258 -10.46 8.47 8.58
C ALA A 258 -8.99 8.87 8.61
N THR A 259 -8.28 8.53 7.54
CA THR A 259 -6.84 8.78 7.45
C THR A 259 -6.48 9.31 6.07
N PRO A 260 -5.47 10.19 5.98
CA PRO A 260 -5.12 10.85 4.72
C PRO A 260 -4.24 10.02 3.79
N HIS A 261 -4.78 8.93 3.24
CA HIS A 261 -4.08 8.14 2.23
C HIS A 261 -2.69 7.70 2.70
N ILE A 262 -2.64 7.07 3.88
CA ILE A 262 -1.36 6.69 4.48
C ILE A 262 -1.30 5.21 4.83
N ALA A 263 -2.23 4.43 4.31
CA ALA A 263 -2.31 3.01 4.64
C ALA A 263 -1.01 2.27 4.33
N GLY A 264 -0.46 2.52 3.14
CA GLY A 264 0.74 1.83 2.70
C GLY A 264 2.04 2.47 3.19
N TYR A 265 1.92 3.56 3.94
CA TYR A 265 3.09 4.28 4.43
C TYR A 265 3.89 3.46 5.43
N GLY A 266 5.17 3.80 5.58
CA GLY A 266 6.07 3.08 6.45
C GLY A 266 7.47 3.08 5.87
N LEU A 267 8.47 3.12 6.75
CA LEU A 267 9.87 3.21 6.33
C LEU A 267 10.29 2.05 5.43
N GLU A 268 9.83 0.86 5.74
CA GLU A 268 10.15 -0.33 4.97
C GLU A 268 9.63 -0.22 3.54
N GLY A 269 8.34 0.10 3.41
CA GLY A 269 7.71 0.24 2.11
C GLY A 269 8.33 1.35 1.29
N LYS A 270 8.67 2.45 1.94
CA LYS A 270 9.32 3.57 1.28
C LYS A 270 10.71 3.19 0.78
N ALA A 271 11.37 2.32 1.53
CA ALA A 271 12.72 1.87 1.17
C ALA A 271 12.66 0.84 0.05
N ARG A 272 11.57 0.07 0.00
CA ARG A 272 11.41 -0.93 -1.04
C ARG A 272 11.33 -0.30 -2.42
N GLY A 273 10.85 0.94 -2.48
CA GLY A 273 10.81 1.68 -3.73
C GLY A 273 12.19 1.76 -4.35
N THR A 274 13.16 2.21 -3.55
CA THR A 274 14.54 2.29 -4.00
C THR A 274 15.12 0.89 -4.19
N THR A 275 14.88 0.03 -3.20
CA THR A 275 15.44 -1.31 -3.17
C THR A 275 15.08 -2.15 -4.39
N MET A 276 13.80 -2.11 -4.78
CA MET A 276 13.31 -2.95 -5.88
C MET A 276 13.91 -2.57 -7.22
N ILE A 277 13.91 -1.28 -7.54
CA ILE A 277 14.44 -0.83 -8.83
C ILE A 277 15.97 -0.92 -8.86
N PHE A 278 16.59 -0.87 -7.68
CA PHE A 278 18.03 -1.05 -7.57
C PHE A 278 18.41 -2.48 -7.93
N ASN A 279 17.65 -3.43 -7.41
CA ASN A 279 17.88 -4.83 -7.73
C ASN A 279 17.58 -5.13 -9.19
N SER A 280 16.59 -4.44 -9.74
CA SER A 280 16.24 -4.57 -11.15
C SER A 280 17.39 -4.09 -12.03
N TYR A 281 17.96 -2.95 -11.68
CA TYR A 281 19.04 -2.37 -12.46
C TYR A 281 20.33 -3.17 -12.29
N CYS A 282 20.54 -3.69 -11.09
CA CYS A 282 21.67 -4.57 -10.83
C CYS A 282 21.63 -5.77 -11.76
N GLU A 283 20.46 -6.40 -11.82
CA GLU A 283 20.25 -7.54 -12.70
C GLU A 283 20.37 -7.14 -14.16
N PHE A 284 20.01 -5.90 -14.46
CA PHE A 284 20.11 -5.38 -15.83
C PHE A 284 21.55 -5.22 -16.27
N LEU A 285 22.44 -4.90 -15.32
CA LEU A 285 23.84 -4.70 -15.62
C LEU A 285 24.64 -6.01 -15.54
N GLY A 286 24.03 -7.03 -14.96
CA GLY A 286 24.71 -8.30 -14.77
C GLY A 286 25.51 -8.32 -13.48
N SER A 287 25.22 -7.37 -12.60
CA SER A 287 25.93 -7.26 -11.33
C SER A 287 25.37 -8.23 -10.30
N ALA A 288 26.16 -8.50 -9.26
CA ALA A 288 25.76 -9.43 -8.21
C ALA A 288 25.25 -8.68 -6.98
N HIS A 289 25.38 -7.35 -7.00
CA HIS A 289 24.92 -6.52 -5.88
C HIS A 289 23.43 -6.71 -5.63
N CYS A 290 23.06 -6.69 -4.35
CA CYS A 290 21.67 -6.88 -3.95
C CYS A 290 21.41 -6.15 -2.63
N ALA A 291 20.24 -5.53 -2.51
CA ALA A 291 19.93 -4.74 -1.33
C ALA A 291 18.51 -5.00 -0.83
N ASN A 292 18.34 -4.84 0.49
CA ASN A 292 17.03 -4.97 1.11
C ASN A 292 16.80 -3.85 2.12
N PRO A 293 15.54 -3.44 2.31
CA PRO A 293 15.21 -2.33 3.21
C PRO A 293 15.59 -2.59 4.67
N ALA A 294 15.67 -3.86 5.07
CA ALA A 294 16.01 -4.22 6.44
C ALA A 294 17.45 -3.80 6.77
N SER A 295 18.32 -3.86 5.76
CA SER A 295 19.73 -3.55 5.95
C SER A 295 19.96 -2.04 6.00
N LEU A 296 19.10 -1.30 5.31
CA LEU A 296 19.24 0.16 5.20
C LEU A 296 18.68 0.88 6.42
N LEU A 297 17.58 0.34 6.96
CA LEU A 297 16.89 0.98 8.06
C LEU A 297 17.51 0.65 9.42
N PRO A 298 17.38 1.57 10.38
CA PRO A 298 17.73 1.24 11.77
C PRO A 298 16.73 0.25 12.35
N LYS A 299 17.15 -0.53 13.34
CA LYS A 299 16.27 -1.53 13.93
C LYS A 299 15.10 -0.83 14.63
N ALA A 300 13.96 -1.51 14.67
CA ALA A 300 12.75 -0.97 15.30
C ALA A 300 13.00 -0.67 16.79
N PRO A 301 12.27 0.31 17.34
CA PRO A 301 12.38 0.68 18.76
C PRO A 301 12.19 -0.52 19.69
N VAL A 302 11.18 -1.33 19.41
CA VAL A 302 10.97 -2.59 20.11
C VAL A 302 11.09 -3.72 19.08
N PRO A 303 12.32 -4.17 18.81
CA PRO A 303 12.61 -5.12 17.73
C PRO A 303 12.21 -6.56 18.03
N LYS A 304 12.05 -6.92 19.30
CA LYS A 304 11.62 -8.26 19.64
C LYS A 304 10.90 -8.34 20.98
N VAL A 305 9.89 -9.19 21.04
CA VAL A 305 9.18 -9.48 22.28
C VAL A 305 9.09 -10.98 22.46
N TYR A 306 8.86 -11.43 23.70
CA TYR A 306 8.82 -12.84 24.00
C TYR A 306 7.41 -13.27 24.42
N LEU A 307 7.06 -14.50 24.08
CA LEU A 307 5.74 -15.04 24.42
C LEU A 307 5.85 -16.20 25.40
N GLU A 308 5.05 -16.16 26.46
CA GLU A 308 5.09 -17.19 27.49
C GLU A 308 4.29 -18.41 27.09
N ARG A 309 3.20 -18.18 26.36
CA ARG A 309 2.32 -19.26 25.93
C ARG A 309 1.82 -19.02 24.52
N ALA A 310 0.89 -19.87 24.07
CA ALA A 310 0.24 -19.66 22.78
C ALA A 310 -0.55 -18.36 22.81
N TRP A 311 -0.69 -17.74 21.65
CA TRP A 311 -1.35 -16.44 21.57
C TRP A 311 -2.87 -16.58 21.43
N ASP A 312 -3.59 -15.70 22.11
CA ASP A 312 -5.02 -15.58 21.90
C ASP A 312 -5.29 -14.32 21.06
N GLU A 313 -6.56 -14.02 20.82
CA GLU A 313 -6.92 -12.85 20.02
C GLU A 313 -6.47 -11.56 20.68
N GLU A 314 -6.48 -11.55 22.01
CA GLU A 314 -6.08 -10.37 22.77
C GLU A 314 -4.59 -10.10 22.61
N THR A 315 -3.79 -11.15 22.69
CA THR A 315 -2.34 -11.05 22.53
C THR A 315 -1.99 -10.58 21.12
N LEU A 316 -2.76 -11.08 20.14
CA LEU A 316 -2.57 -10.70 18.75
C LEU A 316 -2.77 -9.19 18.57
N ARG A 317 -3.79 -8.65 19.22
CA ARG A 317 -4.04 -7.22 19.21
C ARG A 317 -2.88 -6.46 19.84
N THR A 318 -2.43 -6.97 20.98
CA THR A 318 -1.32 -6.36 21.71
C THR A 318 -0.05 -6.32 20.87
N LEU A 319 0.24 -7.42 20.19
CA LEU A 319 1.45 -7.53 19.38
C LEU A 319 1.41 -6.60 18.16
N THR A 320 0.31 -6.63 17.42
CA THR A 320 0.21 -5.87 16.18
C THR A 320 0.18 -4.36 16.42
N GLN A 321 -0.36 -3.95 17.56
CA GLN A 321 -0.49 -2.53 17.86
C GLN A 321 0.83 -1.92 18.34
N ILE A 322 1.82 -2.77 18.57
CA ILE A 322 3.18 -2.30 18.85
C ILE A 322 3.70 -1.59 17.60
N ILE A 323 3.34 -2.12 16.45
CA ILE A 323 3.76 -1.56 15.17
C ILE A 323 2.84 -0.46 14.67
N TYR A 324 1.54 -0.78 14.55
CA TYR A 324 0.60 0.20 14.03
C TYR A 324 -0.76 0.17 14.73
N ASP A 325 -1.19 1.35 15.18
CA ASP A 325 -2.51 1.53 15.77
C ASP A 325 -3.23 2.65 15.03
N VAL A 326 -4.26 2.28 14.27
CA VAL A 326 -4.95 3.21 13.36
C VAL A 326 -5.54 4.43 14.08
N ARG A 327 -5.76 4.31 15.39
CA ARG A 327 -6.32 5.40 16.18
C ARG A 327 -5.37 6.60 16.25
N LYS A 328 -4.07 6.34 16.11
CA LYS A 328 -3.06 7.39 16.14
C LYS A 328 -3.25 8.39 15.00
N ASP A 329 -3.24 7.86 13.77
CA ASP A 329 -3.38 8.70 12.59
C ASP A 329 -4.76 9.32 12.51
N ASP A 330 -5.79 8.54 12.88
CA ASP A 330 -7.16 9.02 12.90
C ASP A 330 -7.30 10.27 13.77
N ALA A 331 -6.70 10.21 14.97
CA ALA A 331 -6.76 11.31 15.91
C ALA A 331 -6.06 12.56 15.36
N GLN A 332 -4.88 12.37 14.77
CA GLN A 332 -4.13 13.48 14.21
C GLN A 332 -4.89 14.11 13.04
N PHE A 333 -5.47 13.25 12.21
CA PHE A 333 -6.17 13.69 11.02
C PHE A 333 -7.38 14.56 11.37
N ARG A 334 -8.18 14.12 12.33
CA ARG A 334 -9.35 14.87 12.76
C ARG A 334 -8.95 16.16 13.48
N ARG A 335 -7.82 16.11 14.18
CA ARG A 335 -7.35 17.25 14.96
C ARG A 335 -6.77 18.36 14.11
N GLU A 336 -6.17 17.99 12.98
CA GLU A 336 -5.39 18.95 12.20
C GLU A 336 -5.99 19.34 10.85
N ILE A 337 -6.99 18.58 10.39
CA ILE A 337 -7.49 18.73 9.03
C ILE A 337 -7.96 20.15 8.69
N HIS A 338 -8.40 20.90 9.70
CA HIS A 338 -8.87 22.27 9.50
C HIS A 338 -7.73 23.20 9.10
N GLN A 339 -6.50 22.79 9.40
CA GLN A 339 -5.32 23.59 9.09
C GLN A 339 -5.01 23.52 7.60
N PRO A 340 -4.51 24.63 7.02
CA PRO A 340 -4.27 24.72 5.58
C PRO A 340 -3.25 23.70 5.06
N GLY A 341 -3.71 22.82 4.18
CA GLY A 341 -2.84 21.84 3.55
C GLY A 341 -2.43 20.71 4.47
N ALA A 342 -3.15 20.57 5.59
CA ALA A 342 -2.82 19.57 6.60
C ALA A 342 -2.91 18.14 6.05
N PHE A 343 -3.77 17.95 5.05
CA PHE A 343 -3.91 16.64 4.43
C PHE A 343 -2.58 16.15 3.86
N ASP A 344 -1.92 17.02 3.10
CA ASP A 344 -0.67 16.67 2.46
C ASP A 344 0.52 16.78 3.41
N LEU A 345 0.46 17.73 4.32
CA LEU A 345 1.54 17.96 5.27
C LEU A 345 1.66 16.82 6.29
N MET A 346 0.52 16.21 6.61
CA MET A 346 0.50 15.08 7.53
C MET A 346 1.18 13.86 6.89
N ARG A 347 1.02 13.73 5.58
CA ARG A 347 1.65 12.64 4.83
C ARG A 347 3.15 12.90 4.70
N LYS A 348 3.50 14.15 4.43
CA LYS A 348 4.90 14.52 4.21
C LYS A 348 5.74 14.34 5.48
N HIS A 349 5.16 14.66 6.63
CA HIS A 349 5.88 14.56 7.90
C HIS A 349 5.40 13.39 8.72
N TYR A 350 5.04 12.31 8.04
CA TYR A 350 4.58 11.09 8.68
C TYR A 350 5.65 10.51 9.60
N TRP A 351 5.22 9.90 10.70
CA TRP A 351 6.13 9.37 11.71
C TRP A 351 6.89 8.13 11.22
N ASP A 352 7.91 7.74 11.98
CA ASP A 352 8.77 6.61 11.61
C ASP A 352 8.07 5.26 11.80
N ARG A 353 6.99 5.06 11.05
CA ARG A 353 6.20 3.84 11.12
C ARG A 353 6.95 2.65 10.50
N ARG A 354 6.83 1.48 11.12
CA ARG A 354 7.49 0.28 10.64
C ARG A 354 6.50 -0.72 10.09
N GLU A 355 6.82 -2.00 10.20
CA GLU A 355 5.91 -3.08 9.83
C GLU A 355 6.21 -4.32 10.68
N TYR A 356 5.36 -5.33 10.60
CA TYR A 356 5.48 -6.50 11.47
C TYR A 356 6.80 -7.23 11.29
N SER A 357 7.41 -7.11 10.11
CA SER A 357 8.67 -7.81 9.83
C SER A 357 9.82 -7.23 10.61
N ALA A 358 9.66 -6.00 11.10
CA ALA A 358 10.70 -5.34 11.88
C ALA A 358 10.77 -5.90 13.29
N VAL A 359 9.71 -6.60 13.71
CA VAL A 359 9.64 -7.16 15.05
C VAL A 359 9.79 -8.68 15.03
N THR A 360 10.63 -9.19 15.94
CA THR A 360 10.84 -10.62 16.06
C THR A 360 10.08 -11.21 17.25
N LEU A 361 9.22 -12.19 16.97
CA LEU A 361 8.47 -12.85 18.03
C LEU A 361 9.16 -14.13 18.47
N ALA A 362 9.71 -14.11 19.68
CA ALA A 362 10.41 -15.27 20.22
C ALA A 362 9.51 -16.05 21.17
N GLY A 363 9.44 -17.36 20.97
CA GLY A 363 8.64 -18.22 21.83
C GLY A 363 9.13 -19.65 21.84
N GLY A 364 8.34 -20.53 22.44
CA GLY A 364 8.63 -21.95 22.41
C GLY A 364 7.77 -22.62 21.34
N ALA A 365 8.06 -23.88 21.04
CA ALA A 365 7.36 -24.61 19.98
C ALA A 365 5.86 -24.66 20.20
N ASP A 366 5.43 -24.40 21.43
CA ASP A 366 4.01 -24.48 21.79
C ASP A 366 3.30 -23.11 21.73
N CYS A 367 3.92 -22.15 21.07
CA CYS A 367 3.39 -20.78 21.08
C CYS A 367 2.66 -20.40 19.80
N HIS A 368 2.68 -21.31 18.82
CA HIS A 368 1.99 -21.09 17.54
C HIS A 368 2.42 -19.80 16.85
N LEU A 369 3.67 -19.75 16.42
CA LEU A 369 4.21 -18.56 15.77
C LEU A 369 4.08 -18.64 14.26
N ALA A 370 3.90 -19.85 13.74
CA ALA A 370 3.76 -20.05 12.30
C ALA A 370 2.63 -19.20 11.68
N PRO A 371 1.46 -19.11 12.35
CA PRO A 371 0.48 -18.18 11.79
C PRO A 371 0.94 -16.72 11.88
N LEU A 372 1.61 -16.38 12.98
CA LEU A 372 2.09 -15.02 13.19
C LEU A 372 3.20 -14.65 12.20
N ALA A 373 3.94 -15.65 11.75
CA ALA A 373 4.97 -15.44 10.74
C ALA A 373 4.31 -15.13 9.39
N LYS A 374 3.25 -15.85 9.08
CA LYS A 374 2.49 -15.63 7.86
C LYS A 374 1.81 -14.27 7.89
N LEU A 375 1.53 -13.77 9.09
CA LEU A 375 0.94 -12.46 9.27
C LEU A 375 1.95 -11.37 8.93
N GLY A 376 3.23 -11.72 9.01
CA GLY A 376 4.29 -10.80 8.64
C GLY A 376 5.40 -10.67 9.66
N PHE A 377 5.17 -11.21 10.86
CA PHE A 377 6.17 -11.12 11.92
C PHE A 377 7.38 -12.01 11.65
N GLN A 378 8.52 -11.61 12.20
CA GLN A 378 9.69 -12.47 12.26
C GLN A 378 9.54 -13.34 13.50
N VAL A 379 9.84 -14.63 13.39
CA VAL A 379 9.67 -15.52 14.53
C VAL A 379 10.97 -16.23 14.90
N GLU A 380 11.01 -16.77 16.12
CA GLU A 380 12.18 -17.45 16.63
C GLU A 380 11.80 -18.46 17.71
N VAL A 381 11.77 -19.73 17.34
CA VAL A 381 11.45 -20.80 18.28
C VAL A 381 12.64 -21.12 19.16
N CYS A 382 12.45 -21.00 20.48
CA CYS A 382 13.51 -21.25 21.44
C CYS A 382 13.59 -22.74 21.79
PA NAD B . -2.86 -3.85 -8.78
O1A NAD B . -3.22 -3.43 -10.15
O2A NAD B . -1.85 -4.92 -8.59
O5B NAD B . -4.21 -4.33 -8.02
C5B NAD B . -5.63 -4.19 -8.15
C4B NAD B . -6.09 -5.58 -8.63
O4B NAD B . -7.16 -4.75 -9.26
C3B NAD B . -5.98 -6.40 -9.90
O3B NAD B . -6.64 -7.67 -9.74
C2B NAD B . -6.69 -5.56 -10.89
O2B NAD B . -6.90 -6.30 -12.09
C1B NAD B . -7.97 -5.65 -10.01
N9A NAD B . -9.07 -4.90 -10.64
C8A NAD B . -9.16 -3.94 -11.56
N7A NAD B . -10.45 -3.65 -11.72
C5A NAD B . -11.16 -4.42 -10.89
C6A NAD B . -12.47 -4.52 -10.65
N6A NAD B . -13.27 -3.72 -11.36
N1A NAD B . -12.98 -5.37 -9.76
C2A NAD B . -12.10 -6.19 -9.04
N3A NAD B . -10.73 -6.07 -9.30
C4A NAD B . -10.30 -5.18 -10.22
O3 NAD B . -2.38 -2.54 -7.96
PN NAD B . -1.93 -2.66 -6.40
O1N NAD B . -0.55 -2.17 -6.25
O2N NAD B . -2.27 -4.02 -5.92
O5D NAD B . -2.96 -1.62 -5.73
C5D NAD B . -4.32 -1.81 -5.32
C4D NAD B . -5.06 -0.45 -5.48
O4D NAD B . -4.04 -0.10 -4.45
C3D NAD B . -4.67 0.87 -6.19
O3D NAD B . -5.69 1.86 -6.01
C2D NAD B . -3.44 1.25 -5.45
O2D NAD B . -3.03 2.57 -5.84
C1D NAD B . -4.16 1.30 -4.12
N1N NAD B . -3.17 1.68 -3.10
C2N NAD B . -3.59 2.28 -1.89
C3N NAD B . -2.65 2.61 -0.92
C7N NAD B . -3.04 3.26 0.25
O7N NAD B . -2.06 3.56 1.14
N7N NAD B . -4.34 3.57 0.37
C4N NAD B . -1.30 2.29 -1.11
C5N NAD B . -0.89 1.65 -2.26
C6N NAD B . -1.82 1.33 -3.25
S SO4 C . 32.49 7.62 -22.38
O1 SO4 C . 32.45 9.06 -22.11
O2 SO4 C . 33.56 7.01 -21.60
O3 SO4 C . 31.21 7.02 -22.01
O4 SO4 C . 32.72 7.40 -23.81
S SO4 D . 25.66 2.58 -27.62
O1 SO4 D . 25.00 2.65 -26.32
O2 SO4 D . 27.10 2.54 -27.43
O3 SO4 D . 25.21 1.38 -28.33
O4 SO4 D . 25.32 3.77 -28.40
S SO4 E . 6.64 9.73 -4.69
O1 SO4 E . 6.18 11.02 -5.20
O2 SO4 E . 7.81 9.92 -3.83
O3 SO4 E . 7.00 8.88 -5.82
O4 SO4 E . 5.57 9.09 -3.94
S SO4 F . 0.88 4.20 -21.50
O1 SO4 F . -0.45 4.80 -21.42
O2 SO4 F . 1.82 4.96 -20.69
O3 SO4 F . 0.83 2.82 -21.02
O4 SO4 F . 1.32 4.22 -22.90
S SO4 G . -18.46 -10.44 -11.20
O1 SO4 G . -17.99 -10.11 -9.86
O2 SO4 G . -18.68 -9.20 -11.96
O3 SO4 G . -19.72 -11.17 -11.11
O4 SO4 G . -17.47 -11.26 -11.88
S SO4 H . -9.63 5.34 -16.95
O1 SO4 H . -8.87 4.88 -15.79
O2 SO4 H . -10.55 6.40 -16.55
O3 SO4 H . -10.37 4.22 -17.53
O4 SO4 H . -8.70 5.87 -17.95
S SO4 I . 11.93 -7.23 1.52
O1 SO4 I . 11.85 -6.71 2.88
O2 SO4 I . 11.73 -6.13 0.57
O3 SO4 I . 10.90 -8.23 1.31
O4 SO4 I . 13.24 -7.82 1.30
S SO4 J . 27.22 8.80 -27.62
O1 SO4 J . 27.03 8.84 -26.18
O2 SO4 J . 27.82 10.04 -28.06
O3 SO4 J . 28.10 7.68 -27.96
O4 SO4 J . 25.92 8.61 -28.28
S SO4 K . -6.37 9.38 -6.00
O1 SO4 K . -7.11 9.00 -4.80
O2 SO4 K . -5.84 10.73 -5.86
O3 SO4 K . -5.27 8.43 -6.20
O4 SO4 K . -7.27 9.32 -7.15
S SO4 L . 3.19 -23.90 14.87
O1 SO4 L . 3.47 -24.82 15.98
O2 SO4 L . 4.16 -22.82 14.89
O3 SO4 L . 1.84 -23.36 15.02
O4 SO4 L . 3.28 -24.63 13.61
CL CL M . 21.81 7.51 0.59
CL CL N . -1.14 4.82 -10.66
#